data_7B0R
#
_entry.id   7B0R
#
_cell.length_a   114.472
_cell.length_b   44.871
_cell.length_c   69.543
_cell.angle_alpha   90.000
_cell.angle_beta   121.060
_cell.angle_gamma   90.000
#
_symmetry.space_group_name_H-M   'C 1 2 1'
#
loop_
_entity.id
_entity.type
_entity.pdbx_description
1 polymer 'Hypothetical Membrane Spanning Protein'
2 non-polymer GLYCEROL
3 non-polymer '(2R)-2,3-dihydroxypropyl (9Z)-octadec-9-enoate'
4 non-polymer 3,6,9,12,15,18,21,24-OCTAOXAHEXACOSAN-1-OL
5 non-polymer 'CITRIC ACID'
6 non-polymer 1-METHOXY-2-[2-(2-METHOXY-ETHOXY]-ETHANE
7 water water
#
_entity_poly.entity_id   1
_entity_poly.type   'polypeptide(L)'
_entity_poly.pdbx_seq_one_letter_code
;MHHHHHHSSGRENLYFQGHMDRLITLVVSYSIAFSIFALATMAVVYGKWLYYFEIDFLNIPDLADMTKDEIKRNYDVLIT
YLSPFYDGALHLPTLDMSTNGRIRFVDVKNILVKIQYVMYATIMIAVIGGIYLLKKKNEKFLLHGSILTIIFPIALMLPI
AINFEKSFVLFHKLLFSNDYWVFDPEKDPIILMLPEEFFMHAACAILLFILGGSILCYSLYRYLVKKKRMSQKKFSA
;
_entity_poly.pdbx_strand_id   A
#
loop_
_chem_comp.id
_chem_comp.type
_chem_comp.name
_chem_comp.formula
CIT non-polymer 'CITRIC ACID' 'C6 H8 O7'
GOL non-polymer GLYCEROL 'C3 H8 O3'
OLC non-polymer '(2R)-2,3-dihydroxypropyl (9Z)-octadec-9-enoate' 'C21 H40 O4'
PE5 non-polymer 3,6,9,12,15,18,21,24-OCTAOXAHEXACOSAN-1-OL 'C18 H38 O9'
PG5 non-polymer 1-METHOXY-2-[2-(2-METHOXY-ETHOXY]-ETHANE 'C8 H18 O4'
#
# COMPACT_ATOMS: atom_id res chain seq x y z
N SER A 9 16.74 -44.25 -2.76
CA SER A 9 17.07 -42.85 -2.52
C SER A 9 15.83 -41.97 -2.55
N GLY A 10 14.67 -42.58 -2.86
CA GLY A 10 13.45 -41.81 -3.06
C GLY A 10 12.92 -41.25 -1.75
N ARG A 11 12.98 -42.05 -0.69
CA ARG A 11 12.48 -41.66 0.63
C ARG A 11 13.05 -40.35 1.05
N GLU A 12 14.35 -40.31 1.15
CA GLU A 12 15.06 -39.11 1.59
C GLU A 12 14.92 -37.97 0.59
N ASN A 13 14.47 -38.25 -0.64
CA ASN A 13 14.39 -37.24 -1.69
C ASN A 13 13.02 -36.61 -1.82
N LEU A 14 12.00 -37.13 -1.12
CA LEU A 14 10.70 -36.47 -1.07
C LEU A 14 10.40 -35.89 0.30
N TYR A 15 11.06 -36.39 1.36
CA TYR A 15 11.13 -35.66 2.62
C TYR A 15 11.69 -34.26 2.39
N PHE A 16 12.66 -34.14 1.47
CA PHE A 16 13.18 -32.82 1.09
C PHE A 16 12.17 -32.04 0.27
N GLN A 17 11.60 -32.69 -0.76
CA GLN A 17 10.75 -31.97 -1.70
C GLN A 17 9.44 -31.52 -1.05
N GLY A 18 8.87 -32.35 -0.17
CA GLY A 18 7.65 -31.95 0.51
C GLY A 18 7.86 -30.74 1.39
N HIS A 19 8.99 -30.68 2.09
CA HIS A 19 9.34 -29.50 2.87
C HIS A 19 9.67 -28.32 1.97
N MET A 20 10.01 -28.59 0.71
CA MET A 20 10.31 -27.55 -0.26
C MET A 20 9.04 -26.83 -0.71
N ASP A 21 8.06 -27.58 -1.22
CA ASP A 21 6.80 -26.97 -1.62
C ASP A 21 6.08 -26.34 -0.43
N ARG A 22 6.28 -26.89 0.76
CA ARG A 22 5.75 -26.26 1.97
C ARG A 22 6.39 -24.88 2.20
N LEU A 23 7.70 -24.76 1.95
CA LEU A 23 8.35 -23.46 2.03
C LEU A 23 7.95 -22.56 0.87
N ILE A 24 7.90 -23.13 -0.35
CA ILE A 24 7.57 -22.32 -1.52
C ILE A 24 6.17 -21.75 -1.40
N THR A 25 5.23 -22.54 -0.88
CA THR A 25 3.90 -22.02 -0.59
C THR A 25 3.96 -20.86 0.39
N LEU A 26 4.87 -20.93 1.36
CA LEU A 26 5.02 -19.85 2.34
C LEU A 26 5.54 -18.58 1.68
N VAL A 27 6.63 -18.69 0.93
CA VAL A 27 7.21 -17.51 0.28
C VAL A 27 6.23 -16.92 -0.73
N VAL A 28 5.50 -17.79 -1.43
CA VAL A 28 4.56 -17.30 -2.44
C VAL A 28 3.34 -16.67 -1.78
N SER A 29 2.88 -17.24 -0.65
CA SER A 29 1.71 -16.69 0.02
C SER A 29 2.02 -15.34 0.66
N TYR A 30 3.23 -15.19 1.21
CA TYR A 30 3.63 -13.88 1.74
C TYR A 30 3.87 -12.88 0.61
N SER A 31 4.34 -13.35 -0.55
CA SER A 31 4.51 -12.47 -1.69
C SER A 31 3.19 -11.96 -2.21
N ILE A 32 2.14 -12.78 -2.15
CA ILE A 32 0.82 -12.33 -2.59
C ILE A 32 0.24 -11.34 -1.57
N ALA A 33 0.49 -11.57 -0.29
CA ALA A 33 -0.01 -10.66 0.74
C ALA A 33 0.54 -9.26 0.56
N PHE A 34 1.85 -9.14 0.33
CA PHE A 34 2.44 -7.82 0.14
C PHE A 34 2.05 -7.22 -1.21
N SER A 35 2.04 -8.04 -2.25
CA SER A 35 1.69 -7.54 -3.58
C SER A 35 0.32 -6.88 -3.57
N ILE A 36 -0.66 -7.50 -2.91
CA ILE A 36 -1.99 -6.91 -2.83
C ILE A 36 -1.96 -5.66 -1.96
N PHE A 37 -1.20 -5.68 -0.86
CA PHE A 37 -1.07 -4.49 -0.03
C PHE A 37 -0.47 -3.33 -0.83
N ALA A 38 0.59 -3.61 -1.59
CA ALA A 38 1.23 -2.54 -2.36
C ALA A 38 0.34 -2.06 -3.49
N LEU A 39 -0.32 -2.99 -4.20
CA LEU A 39 -1.23 -2.60 -5.27
C LEU A 39 -2.36 -1.74 -4.74
N ALA A 40 -2.96 -2.14 -3.62
CA ALA A 40 -4.02 -1.34 -3.03
C ALA A 40 -3.52 0.03 -2.60
N THR A 41 -2.32 0.08 -2.02
CA THR A 41 -1.74 1.36 -1.62
C THR A 41 -1.54 2.27 -2.82
N MET A 42 -1.00 1.72 -3.92
CA MET A 42 -0.79 2.53 -5.11
C MET A 42 -2.10 2.99 -5.75
N ALA A 43 -3.14 2.15 -5.68
CA ALA A 43 -4.42 2.54 -6.25
C ALA A 43 -5.04 3.71 -5.48
N VAL A 44 -4.83 3.77 -4.17
CA VAL A 44 -5.41 4.83 -3.37
C VAL A 44 -4.52 6.08 -3.41
N VAL A 45 -3.21 5.90 -3.35
CA VAL A 45 -2.30 7.05 -3.32
C VAL A 45 -2.40 7.83 -4.62
N TYR A 46 -2.37 7.14 -5.75
CA TYR A 46 -2.41 7.79 -7.05
C TYR A 46 -3.84 7.91 -7.60
N GLY A 47 -4.84 7.41 -6.88
CA GLY A 47 -6.22 7.60 -7.29
C GLY A 47 -6.73 8.97 -6.86
N LYS A 48 -7.55 9.57 -7.71
CA LYS A 48 -8.03 10.93 -7.49
C LYS A 48 -9.46 11.00 -6.96
N TRP A 49 -10.26 9.94 -7.16
CA TRP A 49 -11.69 10.05 -6.89
C TRP A 49 -11.98 10.21 -5.41
N LEU A 50 -11.21 9.55 -4.54
CA LEU A 50 -11.46 9.67 -3.10
C LEU A 50 -11.21 11.09 -2.62
N TYR A 51 -10.06 11.67 -2.99
CA TYR A 51 -9.76 13.02 -2.53
C TYR A 51 -10.71 14.04 -3.15
N TYR A 52 -11.02 13.89 -4.43
CA TYR A 52 -12.00 14.77 -5.07
C TYR A 52 -13.32 14.76 -4.31
N PHE A 53 -13.70 13.59 -3.78
CA PHE A 53 -14.91 13.49 -2.97
C PHE A 53 -14.75 14.21 -1.64
N GLU A 54 -13.55 14.16 -1.05
CA GLU A 54 -13.31 14.81 0.23
C GLU A 54 -13.35 16.32 0.15
N ILE A 55 -13.10 16.90 -1.03
CA ILE A 55 -13.11 18.35 -1.18
C ILE A 55 -14.46 18.92 -0.75
N ASP A 56 -15.54 18.40 -1.32
CA ASP A 56 -16.88 18.83 -0.93
C ASP A 56 -17.30 18.24 0.41
N PHE A 57 -16.85 17.01 0.70
CA PHE A 57 -17.31 16.33 1.91
C PHE A 57 -16.74 16.97 3.16
N LEU A 58 -15.47 17.35 3.14
CA LEU A 58 -14.82 17.97 4.28
C LEU A 58 -14.81 19.49 4.21
N ASN A 59 -15.40 20.07 3.16
CA ASN A 59 -15.39 21.52 2.93
C ASN A 59 -13.97 22.07 2.97
N ILE A 60 -13.10 21.44 2.17
CA ILE A 60 -11.70 21.88 2.11
C ILE A 60 -11.57 23.31 1.61
N PRO A 61 -12.37 23.80 0.64
CA PRO A 61 -12.27 25.21 0.25
C PRO A 61 -12.31 26.19 1.42
N ASP A 62 -13.21 25.97 2.39
CA ASP A 62 -13.25 26.85 3.56
C ASP A 62 -12.21 26.49 4.60
N LEU A 63 -11.69 25.27 4.57
CA LEU A 63 -10.62 24.90 5.50
C LEU A 63 -9.32 25.58 5.12
N ALA A 64 -9.03 25.71 3.82
CA ALA A 64 -7.75 26.20 3.34
C ALA A 64 -7.83 27.57 2.70
N ASP A 65 -9.00 28.21 2.68
CA ASP A 65 -9.19 29.50 2.02
C ASP A 65 -8.73 29.44 0.57
N MET A 66 -9.11 28.37 -0.11
CA MET A 66 -8.78 28.16 -1.51
C MET A 66 -10.04 27.83 -2.29
N THR A 67 -10.01 28.13 -3.58
CA THR A 67 -11.09 27.69 -4.45
C THR A 67 -10.91 26.22 -4.82
N LYS A 68 -11.98 25.61 -5.31
CA LYS A 68 -11.93 24.20 -5.67
C LYS A 68 -10.94 23.96 -6.81
N ASP A 69 -10.89 24.89 -7.77
CA ASP A 69 -9.94 24.74 -8.88
C ASP A 69 -8.50 24.75 -8.38
N GLU A 70 -8.20 25.60 -7.40
CA GLU A 70 -6.84 25.66 -6.87
C GLU A 70 -6.50 24.38 -6.10
N ILE A 71 -7.45 23.87 -5.32
CA ILE A 71 -7.20 22.65 -4.54
C ILE A 71 -6.88 21.48 -5.45
N LYS A 72 -7.62 21.35 -6.55
CA LYS A 72 -7.47 20.18 -7.41
C LYS A 72 -6.16 20.21 -8.19
N ARG A 73 -5.80 21.38 -8.73
CA ARG A 73 -4.57 21.46 -9.50
C ARG A 73 -3.35 21.29 -8.61
N ASN A 74 -3.39 21.88 -7.40
CA ASN A 74 -2.31 21.64 -6.44
C ASN A 74 -2.22 20.17 -6.06
N TYR A 75 -3.38 19.51 -5.92
CA TYR A 75 -3.37 18.08 -5.62
C TYR A 75 -2.87 17.28 -6.81
N ASP A 76 -3.32 17.62 -8.02
CA ASP A 76 -2.86 16.93 -9.22
C ASP A 76 -1.35 17.02 -9.37
N VAL A 77 -0.77 18.18 -9.04
CA VAL A 77 0.67 18.36 -9.13
C VAL A 77 1.38 17.50 -8.09
N LEU A 78 0.81 17.41 -6.89
CA LEU A 78 1.43 16.62 -5.83
C LEU A 78 1.46 15.14 -6.19
N ILE A 79 0.36 14.62 -6.74
CA ILE A 79 0.30 13.20 -7.07
C ILE A 79 1.23 12.90 -8.25
N THR A 80 1.31 13.81 -9.22
CA THR A 80 2.27 13.65 -10.31
C THR A 80 3.69 13.62 -9.78
N TYR A 81 3.99 14.45 -8.78
CA TYR A 81 5.33 14.48 -8.22
C TYR A 81 5.68 13.17 -7.52
N LEU A 82 4.69 12.56 -6.86
CA LEU A 82 4.94 11.34 -6.08
C LEU A 82 5.13 10.11 -6.96
N SER A 83 4.93 10.22 -8.27
CA SER A 83 5.19 9.09 -9.15
C SER A 83 6.70 8.86 -9.26
N PRO A 84 7.16 7.61 -9.24
CA PRO A 84 8.60 7.35 -9.29
C PRO A 84 9.24 7.65 -10.64
N PHE A 85 8.46 8.14 -11.61
CA PHE A 85 8.98 8.42 -12.95
C PHE A 85 9.16 9.92 -13.20
N TYR A 86 8.81 10.77 -12.23
CA TYR A 86 8.96 12.21 -12.34
C TYR A 86 10.21 12.61 -11.57
N ASP A 87 11.23 13.07 -12.30
CA ASP A 87 12.52 13.43 -11.70
C ASP A 87 12.59 14.87 -11.25
N GLY A 88 11.58 15.69 -11.55
CA GLY A 88 11.62 17.08 -11.17
C GLY A 88 11.24 17.30 -9.72
N ALA A 89 11.53 18.51 -9.24
CA ALA A 89 11.20 18.89 -7.89
C ALA A 89 9.71 19.21 -7.78
N LEU A 90 9.24 19.29 -6.53
CA LEU A 90 7.84 19.62 -6.27
C LEU A 90 7.64 21.12 -6.40
N HIS A 91 6.73 21.53 -7.28
CA HIS A 91 6.41 22.93 -7.52
C HIS A 91 4.89 23.07 -7.46
N LEU A 92 4.37 23.48 -6.31
CA LEU A 92 2.93 23.65 -6.19
C LEU A 92 2.49 24.89 -6.98
N PRO A 93 1.39 24.79 -7.72
CA PRO A 93 1.01 25.91 -8.61
C PRO A 93 0.74 27.23 -7.88
N THR A 94 0.04 27.20 -6.75
CA THR A 94 -0.37 28.43 -6.08
C THR A 94 -0.04 28.44 -4.59
N LEU A 95 0.84 27.55 -4.13
CA LEU A 95 1.12 27.43 -2.71
C LEU A 95 2.62 27.53 -2.46
N ASP A 96 2.98 28.20 -1.37
CA ASP A 96 4.36 28.28 -0.92
C ASP A 96 4.76 26.96 -0.25
N MET A 97 6.07 26.81 -0.04
CA MET A 97 6.60 25.60 0.57
C MET A 97 7.96 25.89 1.17
N SER A 98 8.19 25.39 2.37
CA SER A 98 9.46 25.59 3.06
C SER A 98 10.42 24.46 2.75
N THR A 99 11.69 24.67 3.12
CA THR A 99 12.72 23.66 2.91
C THR A 99 12.36 22.34 3.59
N ASN A 100 11.77 22.42 4.79
CA ASN A 100 11.35 21.23 5.49
C ASN A 100 10.09 20.62 4.90
N GLY A 101 9.27 21.43 4.21
CA GLY A 101 8.12 20.87 3.50
C GLY A 101 8.55 20.02 2.31
N ARG A 102 9.54 20.50 1.55
CA ARG A 102 10.06 19.70 0.44
C ARG A 102 10.71 18.42 0.94
N ILE A 103 11.43 18.50 2.06
CA ILE A 103 12.04 17.31 2.64
C ILE A 103 10.96 16.28 2.99
N ARG A 104 9.83 16.74 3.53
CA ARG A 104 8.77 15.83 3.92
C ARG A 104 8.20 15.08 2.71
N PHE A 105 7.99 15.78 1.61
CA PHE A 105 7.39 15.14 0.44
C PHE A 105 8.38 14.28 -0.33
N VAL A 106 9.68 14.50 -0.17
CA VAL A 106 10.65 13.55 -0.69
C VAL A 106 10.67 12.29 0.16
N ASP A 107 10.44 12.43 1.47
CA ASP A 107 10.27 11.25 2.32
C ASP A 107 9.04 10.45 1.90
N VAL A 108 7.92 11.14 1.67
CA VAL A 108 6.71 10.46 1.22
C VAL A 108 6.94 9.77 -0.12
N LYS A 109 7.67 10.43 -1.03
CA LYS A 109 7.97 9.83 -2.31
C LYS A 109 8.90 8.63 -2.16
N ASN A 110 9.78 8.65 -1.17
CA ASN A 110 10.79 7.60 -1.05
C ASN A 110 10.18 6.28 -0.60
N ILE A 111 9.23 6.33 0.34
CA ILE A 111 8.58 5.09 0.76
C ILE A 111 7.75 4.51 -0.38
N LEU A 112 7.19 5.37 -1.24
CA LEU A 112 6.40 4.88 -2.36
C LEU A 112 7.26 4.15 -3.38
N VAL A 113 8.45 4.68 -3.68
CA VAL A 113 9.35 3.95 -4.58
C VAL A 113 9.91 2.72 -3.88
N LYS A 114 10.03 2.75 -2.55
CA LYS A 114 10.44 1.56 -1.82
C LYS A 114 9.37 0.48 -1.87
N ILE A 115 8.12 0.87 -1.68
CA ILE A 115 7.02 -0.10 -1.71
C ILE A 115 6.86 -0.69 -3.10
N GLN A 116 6.94 0.16 -4.13
CA GLN A 116 6.79 -0.34 -5.50
C GLN A 116 7.94 -1.24 -5.90
N TYR A 117 9.16 -0.87 -5.52
CA TYR A 117 10.33 -1.71 -5.79
C TYR A 117 10.14 -3.11 -5.24
N VAL A 118 9.75 -3.22 -3.96
CA VAL A 118 9.50 -4.52 -3.37
C VAL A 118 8.27 -5.17 -3.98
N MET A 119 7.31 -4.36 -4.44
CA MET A 119 6.10 -4.90 -5.05
C MET A 119 6.41 -5.66 -6.33
N TYR A 120 7.20 -5.06 -7.21
CA TYR A 120 7.60 -5.74 -8.44
C TYR A 120 8.30 -7.05 -8.15
N ALA A 121 9.06 -7.10 -7.05
CA ALA A 121 9.75 -8.34 -6.68
C ALA A 121 8.75 -9.39 -6.21
N THR A 122 7.81 -9.01 -5.36
CA THR A 122 6.85 -9.98 -4.83
C THR A 122 5.87 -10.45 -5.89
N ILE A 123 5.48 -9.56 -6.82
CA ILE A 123 4.57 -9.97 -7.90
C ILE A 123 5.21 -11.07 -8.74
N MET A 124 6.48 -10.90 -9.10
CA MET A 124 7.18 -11.90 -9.90
C MET A 124 7.32 -13.21 -9.14
N ILE A 125 7.74 -13.15 -7.87
CA ILE A 125 7.88 -14.36 -7.06
C ILE A 125 6.53 -15.03 -6.89
N ALA A 126 5.45 -14.25 -6.78
CA ALA A 126 4.13 -14.84 -6.60
C ALA A 126 3.66 -15.54 -7.88
N VAL A 127 3.94 -14.96 -9.04
CA VAL A 127 3.46 -15.57 -10.28
C VAL A 127 4.41 -16.66 -10.76
N ILE A 128 5.72 -16.52 -10.52
CA ILE A 128 6.66 -17.54 -10.95
C ILE A 128 6.58 -18.76 -10.05
N GLY A 129 6.69 -18.55 -8.73
CA GLY A 129 6.49 -19.63 -7.80
C GLY A 129 5.07 -20.14 -7.75
N GLY A 130 4.10 -19.32 -8.18
CA GLY A 130 2.71 -19.76 -8.17
C GLY A 130 2.40 -20.77 -9.25
N ILE A 131 2.93 -20.57 -10.45
CA ILE A 131 2.68 -21.53 -11.53
C ILE A 131 3.52 -22.78 -11.33
N TYR A 132 4.68 -22.68 -10.66
CA TYR A 132 5.40 -23.89 -10.27
C TYR A 132 4.53 -24.76 -9.36
N LEU A 133 3.77 -24.13 -8.47
CA LEU A 133 2.87 -24.88 -7.59
C LEU A 133 1.62 -25.34 -8.32
N LEU A 134 1.12 -24.55 -9.28
CA LEU A 134 -0.05 -24.98 -10.04
C LEU A 134 0.29 -26.10 -11.01
N LYS A 135 1.50 -26.08 -11.57
CA LYS A 135 1.97 -27.19 -12.39
C LYS A 135 2.01 -28.48 -11.59
N LYS A 136 2.23 -28.39 -10.27
CA LYS A 136 2.25 -29.54 -9.39
C LYS A 136 0.89 -29.84 -8.78
N LYS A 137 -0.17 -29.23 -9.29
CA LYS A 137 -1.53 -29.44 -8.77
C LYS A 137 -1.60 -29.12 -7.28
N ASN A 138 -1.10 -27.94 -6.92
CA ASN A 138 -1.11 -27.47 -5.54
C ASN A 138 -1.65 -26.05 -5.53
N GLU A 139 -2.70 -25.82 -4.74
CA GLU A 139 -3.43 -24.56 -4.78
C GLU A 139 -3.50 -23.83 -3.44
N LYS A 140 -2.88 -24.38 -2.38
CA LYS A 140 -3.06 -23.80 -1.05
C LYS A 140 -2.40 -22.44 -0.90
N PHE A 141 -1.47 -22.08 -1.79
CA PHE A 141 -0.91 -20.73 -1.73
C PHE A 141 -1.97 -19.67 -2.04
N LEU A 142 -2.94 -20.01 -2.90
CA LEU A 142 -4.06 -19.11 -3.13
C LEU A 142 -4.99 -19.03 -1.92
N LEU A 143 -4.98 -20.04 -1.05
CA LEU A 143 -5.75 -19.98 0.18
C LEU A 143 -4.93 -19.39 1.33
N HIS A 144 -3.69 -19.85 1.49
CA HIS A 144 -2.82 -19.29 2.51
C HIS A 144 -2.56 -17.81 2.24
N GLY A 145 -2.27 -17.47 0.99
CA GLY A 145 -2.15 -16.06 0.64
C GLY A 145 -3.42 -15.28 0.93
N SER A 146 -4.58 -15.85 0.55
CA SER A 146 -5.85 -15.16 0.70
C SER A 146 -6.04 -14.62 2.12
N ILE A 147 -5.80 -15.45 3.12
CA ILE A 147 -5.92 -14.98 4.49
C ILE A 147 -4.74 -14.08 4.87
N LEU A 148 -3.56 -14.32 4.29
CA LEU A 148 -2.39 -13.54 4.65
C LEU A 148 -2.48 -12.10 4.17
N THR A 149 -3.18 -11.84 3.06
CA THR A 149 -3.32 -10.46 2.61
C THR A 149 -4.19 -9.65 3.56
N ILE A 150 -5.16 -10.29 4.22
CA ILE A 150 -5.92 -9.58 5.24
C ILE A 150 -5.05 -9.31 6.46
N ILE A 151 -4.11 -10.22 6.76
CA ILE A 151 -3.35 -10.15 8.01
C ILE A 151 -2.14 -9.23 7.86
N PHE A 152 -1.69 -8.98 6.64
CA PHE A 152 -0.46 -8.21 6.51
C PHE A 152 -0.65 -6.74 6.92
N PRO A 153 -1.60 -5.98 6.35
CA PRO A 153 -1.65 -4.54 6.65
C PRO A 153 -1.89 -4.25 8.11
N ILE A 154 -2.53 -5.18 8.79
CA ILE A 154 -2.87 -5.02 10.19
C ILE A 154 -1.71 -5.38 11.11
N ALA A 155 -0.89 -6.37 10.75
CA ALA A 155 0.31 -6.66 11.51
C ALA A 155 1.23 -5.44 11.62
N LEU A 156 1.15 -4.52 10.66
CA LEU A 156 1.86 -3.26 10.75
C LEU A 156 1.28 -2.33 11.81
N MET A 157 0.01 -2.50 12.14
CA MET A 157 -0.66 -1.65 13.14
C MET A 157 -0.54 -2.20 14.55
N LEU A 158 -0.04 -3.43 14.72
CA LEU A 158 0.04 -4.05 16.04
C LEU A 158 0.72 -3.20 17.11
N PRO A 159 1.81 -2.46 16.84
CA PRO A 159 2.38 -1.61 17.90
C PRO A 159 1.42 -0.59 18.47
N ILE A 160 0.37 -0.21 17.74
CA ILE A 160 -0.60 0.77 18.26
C ILE A 160 -1.31 0.21 19.49
N ALA A 161 -1.61 -1.09 19.48
CA ALA A 161 -2.32 -1.70 20.60
C ALA A 161 -1.50 -1.73 21.88
N ILE A 162 -0.17 -1.72 21.77
CA ILE A 162 0.66 -1.72 22.96
C ILE A 162 0.79 -0.31 23.54
N ASN A 163 0.98 0.69 22.67
CA ASN A 163 1.11 2.07 23.11
C ASN A 163 0.70 2.96 21.94
N PHE A 164 -0.39 3.71 22.12
CA PHE A 164 -0.94 4.49 21.01
C PHE A 164 -0.03 5.64 20.63
N GLU A 165 0.18 6.57 21.55
CA GLU A 165 0.96 7.77 21.23
C GLU A 165 2.44 7.44 21.00
N LYS A 166 2.96 6.43 21.70
CA LYS A 166 4.40 6.19 21.67
C LYS A 166 4.84 5.50 20.38
N SER A 167 4.04 4.57 19.86
CA SER A 167 4.46 3.87 18.65
C SER A 167 4.17 4.65 17.38
N PHE A 168 3.37 5.72 17.45
CA PHE A 168 3.32 6.67 16.34
C PHE A 168 4.60 7.48 16.26
N VAL A 169 5.33 7.60 17.37
CA VAL A 169 6.67 8.19 17.33
C VAL A 169 7.60 7.31 16.50
N LEU A 170 7.44 5.99 16.61
CA LEU A 170 8.32 5.07 15.89
C LEU A 170 8.07 5.13 14.39
N PHE A 171 6.80 5.11 13.96
CA PHE A 171 6.48 5.23 12.55
C PHE A 171 7.03 6.54 11.99
N HIS A 172 6.78 7.65 12.69
CA HIS A 172 7.15 8.97 12.20
C HIS A 172 8.67 9.09 12.01
N LYS A 173 9.44 8.49 12.91
CA LYS A 173 10.89 8.61 12.83
C LYS A 173 11.52 7.59 11.89
N LEU A 174 10.77 6.55 11.51
CA LEU A 174 11.27 5.62 10.49
C LEU A 174 11.04 6.16 9.09
N LEU A 175 9.99 6.95 8.89
CA LEU A 175 9.65 7.48 7.58
C LEU A 175 10.34 8.81 7.28
N PHE A 176 10.43 9.69 8.27
CA PHE A 176 10.71 11.10 8.05
C PHE A 176 12.10 11.48 8.54
N SER A 177 12.67 12.48 7.88
CA SER A 177 14.04 12.90 8.12
C SER A 177 14.16 14.02 9.15
N ASN A 178 13.09 14.75 9.41
CA ASN A 178 13.08 15.78 10.45
C ASN A 178 12.21 15.31 11.59
N ASP A 179 12.82 15.12 12.76
CA ASP A 179 12.10 14.59 13.92
C ASP A 179 11.11 15.62 14.46
N TYR A 180 11.54 16.87 14.60
CA TYR A 180 10.82 17.86 15.38
C TYR A 180 9.97 18.80 14.54
N TRP A 181 10.20 18.88 13.24
CA TRP A 181 9.51 19.85 12.41
C TRP A 181 8.04 19.49 12.25
N VAL A 182 7.18 20.50 12.34
CA VAL A 182 5.75 20.36 12.12
C VAL A 182 5.35 21.30 10.98
N PHE A 183 4.23 20.98 10.35
CA PHE A 183 3.72 21.80 9.26
C PHE A 183 3.25 23.15 9.81
N ASP A 184 3.81 24.24 9.28
CA ASP A 184 3.30 25.57 9.57
C ASP A 184 2.42 26.01 8.42
N PRO A 185 1.13 26.27 8.63
CA PRO A 185 0.27 26.69 7.52
C PRO A 185 0.74 27.96 6.84
N GLU A 186 1.41 28.86 7.57
CA GLU A 186 1.93 30.07 6.95
C GLU A 186 3.04 29.78 5.95
N LYS A 187 3.85 28.77 6.22
CA LYS A 187 4.98 28.43 5.37
C LYS A 187 4.74 27.19 4.51
N ASP A 188 3.84 26.30 4.92
CA ASP A 188 3.46 25.13 4.14
C ASP A 188 1.94 25.03 4.13
N PRO A 189 1.27 25.91 3.37
CA PRO A 189 -0.20 25.97 3.43
C PRO A 189 -0.90 24.76 2.80
N ILE A 190 -0.19 23.88 2.12
CA ILE A 190 -0.81 22.68 1.57
C ILE A 190 -1.33 21.78 2.69
N ILE A 191 -0.83 21.95 3.91
CA ILE A 191 -1.34 21.18 5.04
C ILE A 191 -2.81 21.45 5.29
N LEU A 192 -3.32 22.64 4.93
CA LEU A 192 -4.70 22.97 5.20
C LEU A 192 -5.66 22.26 4.25
N MET A 193 -5.19 21.80 3.10
CA MET A 193 -6.00 21.01 2.19
C MET A 193 -5.69 19.52 2.26
N LEU A 194 -4.98 19.08 3.30
CA LEU A 194 -4.73 17.66 3.57
C LEU A 194 -5.15 17.36 5.00
N PRO A 195 -6.44 17.42 5.31
CA PRO A 195 -6.88 17.21 6.69
C PRO A 195 -6.70 15.76 7.13
N GLU A 196 -6.72 15.58 8.45
CA GLU A 196 -6.49 14.24 9.01
C GLU A 196 -7.56 13.25 8.58
N GLU A 197 -8.79 13.73 8.36
CA GLU A 197 -9.88 12.82 7.97
C GLU A 197 -9.62 12.20 6.61
N PHE A 198 -8.94 12.90 5.71
CA PHE A 198 -8.66 12.35 4.39
C PHE A 198 -7.70 11.17 4.49
N PHE A 199 -6.72 11.24 5.39
CA PHE A 199 -5.73 10.17 5.48
C PHE A 199 -6.31 8.92 6.13
N MET A 200 -7.20 9.09 7.11
CA MET A 200 -7.83 7.93 7.72
C MET A 200 -8.78 7.25 6.74
N HIS A 201 -9.60 8.04 6.03
CA HIS A 201 -10.45 7.48 5.00
C HIS A 201 -9.64 6.77 3.93
N ALA A 202 -8.47 7.34 3.58
CA ALA A 202 -7.61 6.71 2.58
C ALA A 202 -7.06 5.38 3.08
N ALA A 203 -6.72 5.32 4.36
CA ALA A 203 -6.27 4.05 4.93
C ALA A 203 -7.39 3.03 4.93
N CYS A 204 -8.63 3.47 5.15
CA CYS A 204 -9.77 2.56 5.09
C CYS A 204 -10.02 2.09 3.66
N ALA A 205 -9.79 2.96 2.68
CA ALA A 205 -9.93 2.55 1.29
C ALA A 205 -8.85 1.56 0.88
N ILE A 206 -7.67 1.63 1.51
CA ILE A 206 -6.62 0.67 1.22
C ILE A 206 -7.01 -0.71 1.72
N LEU A 207 -7.48 -0.80 2.96
CA LEU A 207 -7.95 -2.09 3.48
C LEU A 207 -9.14 -2.61 2.70
N LEU A 208 -10.04 -1.71 2.29
CA LEU A 208 -11.16 -2.10 1.45
C LEU A 208 -10.67 -2.78 0.16
N PHE A 209 -9.69 -2.17 -0.50
CA PHE A 209 -9.11 -2.78 -1.68
C PHE A 209 -8.38 -4.07 -1.33
N ILE A 210 -7.75 -4.12 -0.16
CA ILE A 210 -7.06 -5.34 0.26
C ILE A 210 -8.07 -6.44 0.53
N LEU A 211 -9.16 -6.13 1.23
CA LEU A 211 -10.21 -7.10 1.49
C LEU A 211 -10.77 -7.65 0.19
N GLY A 212 -11.08 -6.77 -0.75
CA GLY A 212 -11.53 -7.22 -2.06
C GLY A 212 -10.49 -8.07 -2.78
N GLY A 213 -9.21 -7.78 -2.54
CA GLY A 213 -8.16 -8.55 -3.21
C GLY A 213 -8.07 -9.98 -2.70
N SER A 214 -8.24 -10.18 -1.40
CA SER A 214 -8.20 -11.52 -0.84
C SER A 214 -9.41 -12.34 -1.25
N ILE A 215 -10.56 -11.69 -1.45
CA ILE A 215 -11.76 -12.41 -1.88
C ILE A 215 -11.55 -13.00 -3.27
N LEU A 216 -11.08 -12.18 -4.21
CA LEU A 216 -10.85 -12.67 -5.56
C LEU A 216 -9.80 -13.77 -5.61
N CYS A 217 -8.80 -13.69 -4.72
CA CYS A 217 -7.79 -14.74 -4.66
C CYS A 217 -8.33 -16.00 -3.99
N TYR A 218 -9.18 -15.83 -2.97
CA TYR A 218 -9.91 -16.97 -2.42
C TYR A 218 -10.84 -17.57 -3.45
N SER A 219 -11.56 -16.71 -4.18
CA SER A 219 -12.43 -17.21 -5.24
C SER A 219 -11.64 -17.99 -6.28
N LEU A 220 -10.42 -17.54 -6.58
CA LEU A 220 -9.57 -18.29 -7.50
C LEU A 220 -9.14 -19.62 -6.92
N TYR A 221 -8.83 -19.65 -5.62
CA TYR A 221 -8.50 -20.92 -4.96
C TYR A 221 -9.64 -21.91 -5.08
N ARG A 222 -10.88 -21.44 -4.91
CA ARG A 222 -12.02 -22.34 -4.95
C ARG A 222 -12.40 -22.72 -6.38
N TYR A 223 -12.23 -21.78 -7.32
CA TYR A 223 -12.43 -22.13 -8.73
C TYR A 223 -11.47 -23.22 -9.16
N LEU A 224 -10.20 -23.12 -8.73
CA LEU A 224 -9.21 -24.13 -9.09
C LEU A 224 -9.52 -25.47 -8.43
N VAL A 225 -9.93 -25.45 -7.16
CA VAL A 225 -10.07 -26.68 -6.40
C VAL A 225 -11.36 -27.42 -6.78
N LYS A 226 -12.42 -26.69 -7.18
CA LYS A 226 -13.64 -27.37 -7.60
C LYS A 226 -13.42 -28.10 -8.92
N LYS A 227 -12.63 -27.52 -9.81
CA LYS A 227 -12.32 -28.11 -11.14
C LYS A 227 -11.44 -29.32 -10.83
N LYS A 228 -10.49 -29.14 -9.93
CA LYS A 228 -9.60 -30.27 -9.57
C LYS A 228 -10.44 -31.41 -9.01
N ARG A 229 -11.41 -31.16 -8.14
CA ARG A 229 -12.30 -32.22 -7.61
C ARG A 229 -13.22 -32.77 -8.70
N MET A 230 -13.76 -31.91 -9.56
CA MET A 230 -14.69 -32.41 -10.61
C MET A 230 -13.91 -33.22 -11.64
N SER A 231 -12.61 -33.36 -11.45
CA SER A 231 -11.81 -34.16 -12.37
C SER A 231 -11.61 -35.58 -11.83
N GLN A 232 -11.09 -35.69 -10.61
CA GLN A 232 -10.77 -36.97 -10.00
C GLN A 232 -11.97 -37.91 -9.94
C1 GOL B . -9.51 4.79 -5.88
O1 GOL B . -8.45 5.08 -6.76
C2 GOL B . -9.34 5.60 -4.61
O2 GOL B . -9.29 6.97 -4.91
C3 GOL B . -10.51 5.32 -3.68
O3 GOL B . -11.71 5.35 -4.42
C1 GOL C . -8.58 7.90 -10.23
O1 GOL C . -8.61 8.72 -11.38
C2 GOL C . -9.56 6.76 -10.40
O2 GOL C . -8.86 5.61 -10.86
C3 GOL C . -10.22 6.43 -9.08
O3 GOL C . -9.64 7.19 -8.05
C18 OLC D . -1.39 6.70 6.64
C10 OLC D . -2.34 10.65 -0.83
C9 OLC D . -1.17 11.23 -1.15
C17 OLC D . -2.48 6.00 5.88
C11 OLC D . -2.65 10.31 0.62
C8 OLC D . -0.14 11.54 -0.10
C24 OLC D . 1.57 17.44 10.28
C16 OLC D . -2.15 5.96 4.41
C12 OLC D . -3.05 8.85 0.73
C7 OLC D . -0.33 12.97 0.39
C15 OLC D . -2.89 7.07 3.70
C13 OLC D . -2.06 8.13 1.62
C6 OLC D . 1.00 13.51 0.87
C14 OLC D . -2.72 6.90 2.20
C5 OLC D . 1.26 13.08 2.29
C4 OLC D . 1.25 14.28 3.20
C3 OLC D . 1.98 13.97 4.48
C2 OLC D . 1.89 15.17 5.41
C21 OLC D . 1.36 15.80 8.45
C1 OLC D . 2.62 14.86 6.70
C22 OLC D . 2.21 16.26 9.61
O19 OLC D . 3.83 14.83 6.72
O25 OLC D . 2.54 18.42 10.55
O23 OLC D . 2.37 15.21 10.53
O20 OLC D . 1.90 14.63 7.89
C18 OLC E . -5.92 -0.63 7.11
C10 OLC E . 2.28 3.04 3.28
C9 OLC E . 2.56 4.11 2.50
C17 OLC E . -4.75 0.33 7.09
C11 OLC E . 1.29 3.15 4.42
C8 OLC E . 1.89 5.44 2.76
C24 OLC E . -2.49 14.06 9.36
C16 OLC E . -3.91 0.08 5.87
C12 OLC E . 0.05 2.34 4.07
C7 OLC E . 2.52 6.49 1.88
C15 OLC E . -2.52 0.62 6.14
C13 OLC E . -0.75 2.13 5.34
C6 OLC E . 1.92 7.85 2.19
C14 OLC E . -2.08 1.50 4.99
C5 OLC E . 2.27 8.22 3.61
C4 OLC E . 1.30 9.29 4.08
C3 OLC E . 1.42 9.44 5.58
C2 OLC E . 1.06 10.86 5.96
C21 OLC E . -1.49 12.12 8.22
C1 OLC E . 0.22 10.87 7.22
C22 OLC E . -1.60 12.85 9.54
O19 OLC E . -0.13 9.82 7.70
O25 OLC E . -1.79 15.07 8.68
O23 OLC E . -2.17 11.99 10.50
O20 OLC E . -0.14 12.09 7.81
C50 PE5 F . 16.99 2.46 4.99
O1 PE5 F . 16.68 1.42 4.12
C1 PE5 F . 15.57 0.66 4.52
C2 PE5 F . 15.48 -0.58 3.63
O2 PE5 F . 14.16 -0.78 3.22
C3 PE5 F . 13.97 -1.92 2.44
C4 PE5 F . 13.35 -1.54 1.10
O3 PE5 F . 14.30 -1.66 0.08
C5 PE5 F . 13.84 -1.19 -1.16
C6 PE5 F . 15.01 -0.59 -1.94
O4 PE5 F . 15.13 0.77 -1.64
C7 PE5 F . 14.62 1.62 -2.63
C8 PE5 F . 15.34 2.96 -2.60
O5 PE5 F . 15.33 3.49 -1.30
C9 PE5 F . 16.11 4.64 -1.16
C10 PE5 F . 16.91 4.58 0.14
O6 PE5 F . 16.27 5.35 1.12
C11 PE5 F . 16.99 5.49 2.30
C12 PE5 F . 16.07 6.05 3.39
O7 PE5 F . 14.82 5.45 3.29
C1 GOL G . -11.84 21.25 -12.24
O1 GOL G . -12.48 21.74 -11.09
C2 GOL G . -12.30 19.84 -12.53
O2 GOL G . -11.57 18.94 -11.72
C3 GOL G . -12.04 19.51 -13.98
O3 GOL G . -12.17 18.12 -14.18
C18 OLC H . -2.74 -13.07 -15.17
C10 OLC H . -0.09 -7.50 -11.57
C9 OLC H . -0.78 -6.45 -11.09
C17 OLC H . -1.45 -12.84 -14.40
C11 OLC H . 0.77 -7.36 -12.81
C8 OLC H . -0.71 -5.10 -11.77
C24 OLC H . 1.22 5.18 -10.49
C16 OLC H . -1.19 -11.35 -14.34
C12 OLC H . 0.85 -8.65 -13.57
C7 OLC H . 0.50 -4.32 -11.29
C15 OLC H . 0.17 -11.05 -14.93
C13 OLC H . -0.14 -8.59 -14.73
C6 OLC H . 0.89 -3.30 -12.34
C14 OLC H . 0.13 -9.74 -15.69
C5 OLC H . 2.04 -2.48 -11.81
C4 OLC H . 1.52 -1.36 -10.94
C3 OLC H . 2.47 -0.18 -11.12
C2 OLC H . 2.76 0.49 -9.80
C21 OLC H . 3.27 3.81 -10.92
C1 OLC H . 2.29 1.92 -9.95
C22 OLC H . 2.73 5.20 -10.68
O19 OLC H . 1.15 2.11 -10.28
O25 OLC H . 0.57 5.64 -11.65
O23 OLC H . 3.32 5.76 -9.53
O20 OLC H . 3.15 3.01 -9.76
C18 OLC I . -1.08 -15.27 -8.41
C10 OLC I . -5.57 -7.94 -7.56
C9 OLC I . -6.06 -6.77 -7.12
C17 OLC I . -1.99 -14.73 -7.33
C11 OLC I . -5.36 -9.10 -6.60
C8 OLC I . -6.41 -6.60 -5.65
C24 OLC I . -1.76 2.43 -9.98
C16 OLC I . -3.23 -14.13 -7.95
C12 OLC I . -5.01 -10.34 -7.39
C7 OLC I . -5.73 -5.37 -5.10
C15 OLC I . -4.10 -13.53 -6.87
C13 OLC I . -5.58 -11.57 -6.69
C6 OLC I . -6.66 -4.19 -5.22
C14 OLC I . -5.26 -12.79 -7.50
C5 OLC I . -5.93 -3.07 -5.96
C4 OLC I . -6.87 -2.41 -6.94
C3 OLC I . -6.22 -2.32 -8.31
C2 OLC I . -4.72 -2.15 -8.17
C21 OLC I . -2.90 0.31 -9.51
C1 OLC I . -4.14 -1.71 -9.50
C22 OLC I . -3.10 1.80 -9.69
O19 OLC I . -3.68 -2.52 -10.27
O25 OLC I . -1.93 3.76 -10.42
O23 OLC I . -3.98 2.03 -10.75
O20 OLC I . -4.12 -0.34 -9.83
C1 CIT J . -10.80 33.49 -2.15
O1 CIT J . -9.99 33.86 -1.26
O2 CIT J . -11.31 34.32 -2.95
C2 CIT J . -11.17 32.01 -2.27
C3 CIT J . -12.30 31.64 -1.31
O7 CIT J . -11.91 31.86 0.01
C4 CIT J . -12.63 30.16 -1.53
C5 CIT J . -13.85 29.76 -0.71
O3 CIT J . -13.87 29.95 0.54
O4 CIT J . -14.83 29.22 -1.27
C6 CIT J . -13.54 32.48 -1.62
O5 CIT J . -14.13 33.09 -0.68
O6 CIT J . -13.97 32.58 -2.80
O1 PG5 K . 5.72 -24.14 9.91
C2 PG5 K . 6.12 -23.43 11.04
C3 PG5 K . 7.24 -22.47 10.68
O2 PG5 K . 6.77 -21.16 10.76
C4 PG5 K . 7.13 -20.36 9.67
C5 PG5 K . 6.25 -19.11 9.65
O3 PG5 K . 7.00 -18.02 9.17
C6 PG5 K . 6.25 -16.84 9.12
C7 PG5 K . 7.21 -15.64 9.02
O4 PG5 K . 6.70 -14.59 9.78
#